data_6DYR
#
_entry.id   6DYR
#
_cell.length_a   44.520
_cell.length_b   56.050
_cell.length_c   49.730
_cell.angle_alpha   90.000
_cell.angle_beta   112.910
_cell.angle_gamma   90.000
#
_symmetry.space_group_name_H-M   'P 1 21 1'
#
loop_
_entity.id
_entity.type
_entity.pdbx_description
1 polymer Ebony
2 non-polymer N-[2-(1H-imidazol-5-yl)ethyl]-beta-alaninamide
3 water water
#
_entity_poly.entity_id   1
_entity_poly.type   'polypeptide(L)'
_entity_poly.pdbx_seq_one_letter_code
;MLKMEAVPLRLEHRQEVIDIIVASFYNKADLEQWLKPGVLRTDYSDILNDIWNVLVERDLSFVVYDTNTDRIIGTALNFD
ARNEPEVDIKSKLLIVFEFLEFCEGPIRDNYLPKGLNQILHSFMMGTAEKLNPRENIACMHFMEHEVLRVAREKQFAGIF
TTNTSPLTQQLADVYHYKTLLNFQVNEYVHSDGSRPFGDAPDEQRAIVHWKEVGKGSHHHHHH
;
_entity_poly.pdbx_strand_id   A
#
# COMPACT_ATOMS: atom_id res chain seq x y z
N MET A 1 -15.42 9.56 -20.07
CA MET A 1 -14.24 8.84 -19.61
C MET A 1 -13.63 9.54 -18.41
N LEU A 2 -13.01 8.77 -17.52
CA LEU A 2 -12.41 9.34 -16.32
C LEU A 2 -11.13 10.07 -16.70
N LYS A 3 -11.05 11.36 -16.36
CA LYS A 3 -9.89 12.19 -16.66
C LYS A 3 -9.15 12.47 -15.36
N MET A 4 -7.90 12.00 -15.28
CA MET A 4 -7.16 11.96 -14.03
C MET A 4 -5.85 12.71 -14.15
N GLU A 5 -5.37 13.19 -13.01
CA GLU A 5 -4.09 13.89 -12.92
C GLU A 5 -3.39 13.49 -11.62
N ALA A 6 -2.11 13.14 -11.72
CA ALA A 6 -1.31 12.74 -10.57
C ALA A 6 -0.55 13.96 -10.05
N VAL A 7 -0.89 14.39 -8.85
CA VAL A 7 -0.29 15.55 -8.21
C VAL A 7 0.54 15.06 -7.03
N PRO A 8 1.79 15.51 -6.87
CA PRO A 8 2.58 15.09 -5.71
C PRO A 8 1.89 15.42 -4.40
N LEU A 9 2.20 14.63 -3.38
CA LEU A 9 1.53 14.77 -2.08
C LEU A 9 1.92 16.10 -1.44
N ARG A 10 0.93 16.89 -1.07
CA ARG A 10 1.10 18.14 -0.35
C ARG A 10 0.57 17.99 1.08
N LEU A 11 1.06 18.85 1.96
CA LEU A 11 0.69 18.76 3.38
C LEU A 11 -0.81 18.93 3.59
N GLU A 12 -1.48 19.73 2.76
CA GLU A 12 -2.90 19.98 2.92
C GLU A 12 -3.77 18.81 2.51
N HIS A 13 -3.19 17.77 1.92
CA HIS A 13 -3.93 16.61 1.45
C HIS A 13 -4.23 15.61 2.55
N ARG A 14 -3.90 15.93 3.80
CA ARG A 14 -3.89 14.92 4.86
C ARG A 14 -5.27 14.32 5.07
N GLN A 15 -6.29 15.17 5.26
CA GLN A 15 -7.62 14.64 5.56
C GLN A 15 -8.23 13.91 4.37
N GLU A 16 -7.95 14.36 3.15
CA GLU A 16 -8.47 13.67 1.97
C GLU A 16 -7.81 12.30 1.81
N VAL A 17 -6.51 12.20 2.10
CA VAL A 17 -5.81 10.93 1.98
C VAL A 17 -6.22 9.98 3.10
N ILE A 18 -6.37 10.50 4.32
CA ILE A 18 -6.82 9.67 5.44
C ILE A 18 -8.18 9.06 5.14
N ASP A 19 -9.10 9.86 4.60
CA ASP A 19 -10.42 9.35 4.28
C ASP A 19 -10.34 8.20 3.29
N ILE A 20 -9.51 8.33 2.26
CA ILE A 20 -9.38 7.28 1.25
C ILE A 20 -8.74 6.04 1.85
N ILE A 21 -7.67 6.22 2.63
CA ILE A 21 -6.96 5.08 3.19
C ILE A 21 -7.83 4.34 4.20
N VAL A 22 -8.59 5.08 5.02
CA VAL A 22 -9.53 4.42 5.93
C VAL A 22 -10.59 3.68 5.13
N ALA A 23 -11.09 4.30 4.07
CA ALA A 23 -12.12 3.65 3.25
C ALA A 23 -11.59 2.39 2.59
N SER A 24 -10.32 2.38 2.20
CA SER A 24 -9.75 1.25 1.48
C SER A 24 -9.27 0.13 2.39
N PHE A 25 -9.10 0.39 3.69
CA PHE A 25 -8.52 -0.60 4.60
C PHE A 25 -9.30 -0.78 5.90
N TYR A 26 -10.52 -0.28 5.99
CA TYR A 26 -11.37 -0.48 7.16
C TYR A 26 -12.58 -1.31 6.75
N ASN A 27 -12.61 -2.56 7.23
CA ASN A 27 -13.70 -3.50 6.98
C ASN A 27 -13.81 -3.89 5.50
N LYS A 28 -13.14 -3.14 4.62
CA LYS A 28 -12.94 -3.55 3.24
C LYS A 28 -11.62 -4.29 3.05
N ALA A 29 -10.73 -4.25 4.03
CA ALA A 29 -9.38 -4.77 3.86
C ALA A 29 -9.35 -6.29 4.03
N ASP A 30 -8.51 -6.93 3.21
CA ASP A 30 -8.45 -8.39 3.21
C ASP A 30 -7.74 -8.93 4.44
N LEU A 31 -6.83 -8.15 5.03
CA LEU A 31 -6.15 -8.57 6.25
C LEU A 31 -6.86 -8.07 7.50
N GLU A 32 -7.35 -6.83 7.47
CA GLU A 32 -7.98 -6.22 8.64
C GLU A 32 -9.32 -6.84 8.99
N GLN A 33 -10.00 -7.46 8.02
CA GLN A 33 -11.30 -8.05 8.30
C GLN A 33 -11.18 -9.20 9.30
N TRP A 34 -10.02 -9.83 9.39
CA TRP A 34 -9.83 -10.96 10.28
C TRP A 34 -9.38 -10.54 11.68
N LEU A 35 -9.00 -9.29 11.85
CA LEU A 35 -8.69 -8.74 13.17
C LEU A 35 -9.91 -8.15 13.85
N LYS A 36 -11.11 -8.40 13.32
CA LYS A 36 -12.33 -7.90 13.94
C LYS A 36 -12.62 -8.68 15.22
N PRO A 37 -12.98 -8.00 16.32
CA PRO A 37 -12.98 -6.54 16.38
C PRO A 37 -11.72 -5.99 17.05
N GLY A 38 -11.69 -4.70 17.32
CA GLY A 38 -10.54 -4.07 17.91
C GLY A 38 -9.72 -3.23 16.96
N VAL A 39 -10.16 -3.08 15.71
CA VAL A 39 -9.53 -2.21 14.73
C VAL A 39 -10.54 -1.15 14.36
N LEU A 40 -10.28 0.09 14.78
CA LEU A 40 -11.20 1.20 14.57
C LEU A 40 -10.79 2.03 13.36
N ARG A 41 -11.72 2.89 12.92
CA ARG A 41 -11.44 3.76 11.79
C ARG A 41 -10.23 4.64 12.05
N THR A 42 -10.06 5.08 13.30
CA THR A 42 -8.99 6.01 13.64
C THR A 42 -7.60 5.37 13.62
N ASP A 43 -7.52 4.04 13.61
CA ASP A 43 -6.21 3.39 13.67
C ASP A 43 -5.35 3.74 12.46
N TYR A 44 -5.97 3.82 11.28
CA TYR A 44 -5.21 4.21 10.10
C TYR A 44 -4.97 5.71 10.04
N SER A 45 -5.91 6.52 10.53
CA SER A 45 -5.65 7.95 10.63
C SER A 45 -4.51 8.21 11.61
N ASP A 46 -4.44 7.43 12.69
CA ASP A 46 -3.36 7.57 13.65
C ASP A 46 -2.00 7.28 13.01
N ILE A 47 -1.92 6.21 12.23
CA ILE A 47 -0.67 5.88 11.54
C ILE A 47 -0.33 6.99 10.54
N LEU A 48 -1.30 7.40 9.73
CA LEU A 48 -1.03 8.42 8.72
C LEU A 48 -0.65 9.74 9.35
N ASN A 49 -1.29 10.12 10.45
CA ASN A 49 -0.96 11.37 11.10
C ASN A 49 0.46 11.36 11.66
N ASP A 50 0.90 10.20 12.19
CA ASP A 50 2.24 10.12 12.74
C ASP A 50 3.31 10.21 11.67
N ILE A 51 3.00 9.81 10.43
CA ILE A 51 3.98 9.79 9.34
C ILE A 51 3.71 10.86 8.31
N TRP A 52 2.70 11.71 8.50
CA TRP A 52 2.24 12.56 7.40
C TRP A 52 3.33 13.51 6.93
N ASN A 53 4.03 14.15 7.86
CA ASN A 53 5.03 15.14 7.46
C ASN A 53 6.19 14.48 6.72
N VAL A 54 6.72 13.38 7.27
CA VAL A 54 7.78 12.64 6.59
C VAL A 54 7.29 12.11 5.24
N LEU A 55 6.04 11.65 5.19
CA LEU A 55 5.51 11.13 3.94
C LEU A 55 5.47 12.19 2.85
N VAL A 56 5.13 13.43 3.22
CA VAL A 56 5.10 14.52 2.26
C VAL A 56 6.51 15.00 1.93
N GLU A 57 7.39 15.00 2.93
CA GLU A 57 8.75 15.51 2.72
C GLU A 57 9.55 14.61 1.77
N ARG A 58 9.35 13.29 1.85
CA ARG A 58 10.09 12.39 0.98
C ARG A 58 9.77 12.62 -0.50
N ASP A 59 8.63 13.23 -0.80
CA ASP A 59 8.24 13.59 -2.16
C ASP A 59 8.28 12.37 -3.08
N LEU A 60 7.73 11.26 -2.59
CA LEU A 60 7.57 10.05 -3.38
C LEU A 60 6.12 9.65 -3.58
N SER A 61 5.18 10.28 -2.88
CA SER A 61 3.78 9.94 -2.96
C SER A 61 3.02 10.98 -3.78
N PHE A 62 1.86 10.57 -4.28
CA PHE A 62 1.03 11.45 -5.08
C PHE A 62 -0.43 11.13 -4.81
N VAL A 63 -1.28 12.10 -5.13
CA VAL A 63 -2.73 11.88 -5.17
C VAL A 63 -3.18 11.93 -6.61
N VAL A 64 -4.35 11.37 -6.87
CA VAL A 64 -4.93 11.35 -8.22
C VAL A 64 -6.22 12.16 -8.17
N TYR A 65 -6.26 13.24 -8.97
CA TYR A 65 -7.44 14.07 -9.08
C TYR A 65 -8.31 13.61 -10.24
N ASP A 66 -9.62 13.62 -10.02
CA ASP A 66 -10.59 13.63 -11.11
C ASP A 66 -10.67 15.07 -11.60
N THR A 67 -10.01 15.36 -12.73
CA THR A 67 -9.93 16.73 -13.21
C THR A 67 -11.29 17.31 -13.57
N ASN A 68 -12.30 16.47 -13.79
CA ASN A 68 -13.66 16.97 -14.03
C ASN A 68 -14.31 17.46 -12.75
N THR A 69 -13.92 16.91 -11.60
CA THR A 69 -14.44 17.36 -10.31
C THR A 69 -13.38 18.04 -9.45
N ASP A 70 -12.11 17.98 -9.86
CA ASP A 70 -11.01 18.55 -9.08
C ASP A 70 -11.00 18.00 -7.65
N ARG A 71 -11.45 16.76 -7.48
CA ARG A 71 -11.43 16.07 -6.20
C ARG A 71 -10.53 14.85 -6.28
N ILE A 72 -9.91 14.52 -5.16
CA ILE A 72 -8.99 13.39 -5.10
C ILE A 72 -9.81 12.10 -5.08
N ILE A 73 -9.46 11.19 -5.99
CA ILE A 73 -10.12 9.88 -6.07
C ILE A 73 -9.19 8.74 -5.73
N GLY A 74 -7.89 8.98 -5.62
CA GLY A 74 -6.95 7.91 -5.35
C GLY A 74 -5.63 8.45 -4.84
N THR A 75 -4.86 7.57 -4.22
CA THR A 75 -3.57 7.98 -3.69
C THR A 75 -2.63 6.77 -3.64
N ALA A 76 -1.35 7.04 -3.84
CA ALA A 76 -0.30 6.04 -3.78
C ALA A 76 0.76 6.55 -2.82
N LEU A 77 0.79 5.99 -1.62
CA LEU A 77 1.76 6.38 -0.61
C LEU A 77 3.02 5.53 -0.80
N ASN A 78 4.15 6.20 -1.04
CA ASN A 78 5.40 5.51 -1.34
C ASN A 78 6.48 5.99 -0.39
N PHE A 79 7.37 5.07 -0.04
CA PHE A 79 8.59 5.38 0.69
C PHE A 79 9.76 4.63 0.04
N ASP A 80 10.96 5.14 0.25
CA ASP A 80 12.15 4.34 0.06
C ASP A 80 12.10 3.18 1.06
N ALA A 81 12.19 1.95 0.55
CA ALA A 81 12.04 0.79 1.43
C ALA A 81 13.11 0.76 2.52
N ARG A 82 14.29 1.29 2.24
CA ARG A 82 15.37 1.35 3.21
C ARG A 82 15.44 2.71 3.91
N ASN A 83 14.35 3.48 3.87
CA ASN A 83 14.32 4.80 4.48
C ASN A 83 12.88 5.16 4.84
N GLU A 84 12.23 4.27 5.60
CA GLU A 84 10.85 4.41 6.03
C GLU A 84 10.77 4.92 7.47
N PRO A 85 9.72 5.64 7.81
CA PRO A 85 9.59 6.17 9.18
C PRO A 85 9.39 5.05 10.19
N GLU A 86 9.91 5.29 11.40
CA GLU A 86 9.75 4.36 12.50
C GLU A 86 8.40 4.59 13.17
N VAL A 87 7.54 3.57 13.16
CA VAL A 87 6.17 3.69 13.65
C VAL A 87 5.98 2.74 14.82
N ASP A 88 5.66 3.29 15.98
CA ASP A 88 5.20 2.50 17.12
C ASP A 88 3.68 2.46 17.06
N ILE A 89 3.17 1.51 16.29
CA ILE A 89 1.73 1.34 16.09
C ILE A 89 1.16 0.69 17.33
N LYS A 90 0.35 1.44 18.08
CA LYS A 90 -0.28 0.93 19.31
C LYS A 90 -1.72 0.50 19.06
N SER A 91 -1.97 -0.17 17.94
CA SER A 91 -3.28 -0.71 17.61
C SER A 91 -3.08 -2.13 17.08
N LYS A 92 -4.19 -2.82 16.81
CA LYS A 92 -4.10 -4.16 16.26
C LYS A 92 -3.57 -4.16 14.83
N LEU A 93 -3.42 -3.00 14.21
CA LEU A 93 -2.74 -2.89 12.93
C LEU A 93 -1.25 -3.20 13.02
N LEU A 94 -0.70 -3.25 14.23
CA LEU A 94 0.70 -3.67 14.37
C LEU A 94 0.90 -5.09 13.85
N ILE A 95 -0.08 -5.96 14.06
CA ILE A 95 -0.01 -7.32 13.54
C ILE A 95 0.04 -7.30 12.01
N VAL A 96 -0.75 -6.41 11.40
CA VAL A 96 -0.75 -6.29 9.94
C VAL A 96 0.63 -5.90 9.44
N PHE A 97 1.21 -4.86 10.02
CA PHE A 97 2.50 -4.38 9.52
C PHE A 97 3.63 -5.31 9.94
N GLU A 98 3.48 -6.01 11.07
CA GLU A 98 4.45 -7.05 11.39
C GLU A 98 4.34 -8.22 10.42
N PHE A 99 3.12 -8.54 9.97
CA PHE A 99 2.95 -9.59 8.97
C PHE A 99 3.53 -9.16 7.63
N LEU A 100 3.29 -7.91 7.23
CA LEU A 100 3.85 -7.43 5.97
C LEU A 100 5.37 -7.42 6.03
N GLU A 101 5.95 -7.00 7.15
CA GLU A 101 7.40 -7.09 7.33
C GLU A 101 7.86 -8.54 7.32
N PHE A 102 7.06 -9.44 7.91
CA PHE A 102 7.34 -10.87 7.83
C PHE A 102 7.44 -11.31 6.38
N CYS A 103 6.61 -10.74 5.50
CA CYS A 103 6.66 -11.08 4.08
C CYS A 103 7.78 -10.36 3.37
N GLU A 104 8.04 -9.10 3.74
CA GLU A 104 8.96 -8.25 2.98
C GLU A 104 10.39 -8.32 3.48
N GLY A 105 10.58 -8.30 4.81
CA GLY A 105 11.89 -8.22 5.42
C GLY A 105 12.92 -9.15 4.83
N PRO A 106 12.71 -10.47 4.98
CA PRO A 106 13.69 -11.44 4.46
C PRO A 106 14.02 -11.24 2.98
N ILE A 107 13.02 -10.91 2.16
CA ILE A 107 13.26 -10.73 0.74
C ILE A 107 13.97 -9.41 0.48
N ARG A 108 13.51 -8.35 1.13
CA ARG A 108 14.07 -7.02 0.89
C ARG A 108 15.56 -6.97 1.22
N ASP A 109 15.92 -7.38 2.43
CA ASP A 109 17.28 -7.19 2.94
C ASP A 109 18.25 -8.29 2.49
N ASN A 110 17.81 -9.26 1.71
CA ASN A 110 18.69 -10.34 1.27
C ASN A 110 18.72 -10.56 -0.23
N TYR A 111 17.68 -10.17 -0.97
CA TYR A 111 17.63 -10.38 -2.41
C TYR A 111 17.42 -9.11 -3.21
N LEU A 112 17.14 -8.00 -2.57
CA LEU A 112 16.92 -6.75 -3.28
C LEU A 112 18.14 -5.85 -3.16
N PRO A 113 18.33 -4.92 -4.09
CA PRO A 113 19.54 -4.10 -4.09
C PRO A 113 19.74 -3.33 -2.78
N LYS A 114 21.00 -3.17 -2.41
CA LYS A 114 21.38 -2.48 -1.18
C LYS A 114 21.48 -0.97 -1.42
N GLY A 115 21.33 -0.22 -0.34
CA GLY A 115 21.50 1.22 -0.39
C GLY A 115 20.18 1.96 -0.54
N LEU A 116 20.23 3.25 -0.24
CA LEU A 116 19.07 4.11 -0.39
C LEU A 116 18.79 4.39 -1.86
N ASN A 117 17.59 4.91 -2.12
CA ASN A 117 17.15 5.28 -3.47
C ASN A 117 17.23 4.10 -4.43
N GLN A 118 17.11 2.88 -3.90
CA GLN A 118 17.10 1.67 -4.71
C GLN A 118 15.73 1.03 -4.78
N ILE A 119 15.06 0.89 -3.65
CA ILE A 119 13.82 0.14 -3.54
C ILE A 119 12.70 1.13 -3.26
N LEU A 120 11.87 1.40 -4.27
CA LEU A 120 10.68 2.21 -4.07
C LEU A 120 9.58 1.32 -3.50
N HIS A 121 9.23 1.55 -2.24
CA HIS A 121 8.21 0.75 -1.55
C HIS A 121 6.86 1.40 -1.77
N SER A 122 6.06 0.83 -2.66
CA SER A 122 4.67 1.23 -2.82
C SER A 122 3.88 0.51 -1.74
N PHE A 123 3.90 1.07 -0.53
CA PHE A 123 3.36 0.36 0.62
C PHE A 123 1.85 0.54 0.79
N MET A 124 1.27 1.59 0.21
CA MET A 124 -0.16 1.80 0.37
C MET A 124 -0.74 2.43 -0.89
N MET A 125 -1.90 1.94 -1.30
CA MET A 125 -2.60 2.44 -2.48
C MET A 125 -4.09 2.35 -2.22
N GLY A 126 -4.80 3.46 -2.40
CA GLY A 126 -6.22 3.50 -2.11
C GLY A 126 -6.97 4.32 -3.14
N THR A 127 -8.27 4.04 -3.23
CA THR A 127 -9.18 4.79 -4.09
C THR A 127 -10.40 5.20 -3.26
N ALA A 128 -11.12 6.20 -3.78
CA ALA A 128 -12.31 6.69 -3.10
C ALA A 128 -13.45 5.69 -3.20
N GLU A 129 -14.33 5.70 -2.19
CA GLU A 129 -15.45 4.77 -2.16
C GLU A 129 -16.41 5.01 -3.32
N LYS A 130 -16.61 6.27 -3.71
CA LYS A 130 -17.63 6.60 -4.69
C LYS A 130 -17.32 6.04 -6.07
N LEU A 131 -16.10 5.59 -6.32
CA LEU A 131 -15.71 5.11 -7.64
C LEU A 131 -16.47 3.85 -8.00
N ASN A 132 -17.12 3.87 -9.17
CA ASN A 132 -17.72 2.66 -9.71
C ASN A 132 -16.61 1.75 -10.22
N PRO A 133 -16.93 0.49 -10.59
CA PRO A 133 -15.88 -0.41 -11.06
C PRO A 133 -14.99 0.15 -12.16
N ARG A 134 -15.56 0.77 -13.20
CA ARG A 134 -14.73 1.33 -14.27
C ARG A 134 -13.81 2.40 -13.73
N GLU A 135 -14.35 3.34 -12.94
CA GLU A 135 -13.53 4.40 -12.37
C GLU A 135 -12.43 3.84 -11.49
N ASN A 136 -12.73 2.78 -10.73
CA ASN A 136 -11.73 2.18 -9.87
C ASN A 136 -10.66 1.46 -10.69
N ILE A 137 -11.09 0.67 -11.68
CA ILE A 137 -10.13 -0.02 -12.55
C ILE A 137 -9.25 1.00 -13.26
N ALA A 138 -9.86 2.06 -13.78
CA ALA A 138 -9.10 3.09 -14.49
C ALA A 138 -8.13 3.81 -13.55
N CYS A 139 -8.57 4.08 -12.32
CA CYS A 139 -7.69 4.75 -11.37
C CYS A 139 -6.55 3.86 -10.92
N MET A 140 -6.79 2.55 -10.84
CA MET A 140 -5.72 1.62 -10.48
C MET A 140 -4.66 1.56 -11.57
N HIS A 141 -5.07 1.55 -12.84
CA HIS A 141 -4.11 1.57 -13.93
C HIS A 141 -3.34 2.88 -13.95
N PHE A 142 -4.02 3.99 -13.68
CA PHE A 142 -3.36 5.30 -13.68
C PHE A 142 -2.31 5.39 -12.59
N MET A 143 -2.60 4.86 -11.40
CA MET A 143 -1.65 4.91 -10.30
C MET A 143 -0.47 3.98 -10.53
N GLU A 144 -0.72 2.81 -11.14
CA GLU A 144 0.38 1.94 -11.50
C GLU A 144 1.28 2.57 -12.55
N HIS A 145 0.66 3.22 -13.54
CA HIS A 145 1.43 3.91 -14.57
C HIS A 145 2.26 5.04 -13.97
N GLU A 146 1.79 5.63 -12.87
CA GLU A 146 2.48 6.77 -12.27
C GLU A 146 3.54 6.36 -11.27
N VAL A 147 3.34 5.27 -10.51
CA VAL A 147 4.40 4.82 -9.61
C VAL A 147 5.61 4.38 -10.41
N LEU A 148 5.39 3.83 -11.60
CA LEU A 148 6.52 3.52 -12.49
C LEU A 148 7.21 4.80 -12.94
N ARG A 149 6.43 5.82 -13.32
CA ARG A 149 7.01 7.08 -13.77
C ARG A 149 7.77 7.76 -12.64
N VAL A 150 7.22 7.72 -11.43
CA VAL A 150 7.91 8.30 -10.28
C VAL A 150 9.19 7.51 -9.98
N ALA A 151 9.11 6.18 -10.07
CA ALA A 151 10.29 5.35 -9.81
C ALA A 151 11.41 5.67 -10.78
N ARG A 152 11.08 5.80 -12.07
CA ARG A 152 12.11 6.14 -13.05
C ARG A 152 12.62 7.56 -12.87
N GLU A 153 11.71 8.51 -12.62
CA GLU A 153 12.13 9.90 -12.44
C GLU A 153 13.02 10.05 -11.22
N LYS A 154 12.67 9.40 -10.11
CA LYS A 154 13.46 9.47 -8.89
C LYS A 154 14.62 8.49 -8.87
N GLN A 155 14.82 7.73 -9.96
CA GLN A 155 16.00 6.88 -10.15
C GLN A 155 16.06 5.74 -9.14
N PHE A 156 14.93 5.10 -8.89
CA PHE A 156 14.91 3.87 -8.13
C PHE A 156 15.17 2.68 -9.06
N ALA A 157 15.67 1.60 -8.47
CA ALA A 157 15.98 0.41 -9.26
C ALA A 157 14.74 -0.41 -9.57
N GLY A 158 13.74 -0.35 -8.71
CA GLY A 158 12.53 -1.11 -8.94
C GLY A 158 11.46 -0.74 -7.93
N ILE A 159 10.26 -1.25 -8.18
CA ILE A 159 9.10 -1.02 -7.33
C ILE A 159 8.85 -2.27 -6.52
N PHE A 160 8.60 -2.10 -5.22
CA PHE A 160 8.48 -3.19 -4.27
C PHE A 160 7.18 -3.00 -3.50
N THR A 161 6.38 -4.05 -3.41
CA THR A 161 5.10 -3.94 -2.73
C THR A 161 4.59 -5.31 -2.35
N THR A 162 3.76 -5.35 -1.31
CA THR A 162 3.03 -6.55 -0.92
C THR A 162 1.55 -6.31 -1.22
N ASN A 163 1.00 -7.14 -2.10
CA ASN A 163 -0.38 -6.98 -2.55
C ASN A 163 -1.27 -7.96 -1.79
N THR A 164 -2.28 -7.43 -1.11
CA THR A 164 -3.08 -8.20 -0.19
C THR A 164 -4.51 -8.41 -0.65
N SER A 165 -4.93 -7.80 -1.75
CA SER A 165 -6.24 -8.06 -2.30
C SER A 165 -6.12 -8.78 -3.64
N PRO A 166 -7.11 -9.59 -4.01
CA PRO A 166 -7.04 -10.27 -5.31
C PRO A 166 -6.92 -9.32 -6.49
N LEU A 167 -7.49 -8.11 -6.41
CA LEU A 167 -7.42 -7.19 -7.53
C LEU A 167 -6.02 -6.62 -7.71
N THR A 168 -5.42 -6.11 -6.63
CA THR A 168 -4.07 -5.56 -6.74
C THR A 168 -3.05 -6.63 -7.09
N GLN A 169 -3.28 -7.88 -6.64
CA GLN A 169 -2.40 -8.97 -7.01
C GLN A 169 -2.49 -9.28 -8.51
N GLN A 170 -3.70 -9.29 -9.05
CA GLN A 170 -3.85 -9.55 -10.48
C GLN A 170 -3.29 -8.41 -11.31
N LEU A 171 -3.54 -7.16 -10.90
CA LEU A 171 -2.97 -6.02 -11.60
C LEU A 171 -1.45 -6.10 -11.63
N ALA A 172 -0.84 -6.46 -10.50
CA ALA A 172 0.61 -6.58 -10.45
C ALA A 172 1.11 -7.61 -11.45
N ASP A 173 0.42 -8.75 -11.56
CA ASP A 173 0.85 -9.81 -12.46
C ASP A 173 0.73 -9.39 -13.93
N VAL A 174 -0.38 -8.73 -14.30
CA VAL A 174 -0.51 -8.27 -15.68
C VAL A 174 0.39 -7.07 -15.96
N TYR A 175 0.89 -6.40 -14.91
CA TYR A 175 1.91 -5.38 -15.06
C TYR A 175 3.32 -5.95 -14.94
N HIS A 176 3.45 -7.28 -14.99
CA HIS A 176 4.74 -7.96 -15.07
C HIS A 176 5.60 -7.73 -13.83
N TYR A 177 4.97 -7.62 -12.68
CA TYR A 177 5.72 -7.71 -11.43
C TYR A 177 6.17 -9.14 -11.22
N LYS A 178 7.40 -9.30 -10.75
CA LYS A 178 7.88 -10.60 -10.33
C LYS A 178 7.27 -10.94 -8.97
N THR A 179 6.85 -12.19 -8.81
CA THR A 179 6.38 -12.67 -7.52
C THR A 179 7.57 -13.21 -6.74
N LEU A 180 7.84 -12.58 -5.59
CA LEU A 180 8.93 -13.02 -4.73
C LEU A 180 8.46 -13.79 -3.52
N LEU A 181 7.17 -13.69 -3.17
CA LEU A 181 6.60 -14.49 -2.09
C LEU A 181 5.10 -14.63 -2.34
N ASN A 182 4.59 -15.84 -2.19
CA ASN A 182 3.16 -16.11 -2.29
C ASN A 182 2.76 -16.82 -0.99
N PHE A 183 2.52 -16.03 0.05
CA PHE A 183 2.31 -16.58 1.38
C PHE A 183 0.83 -16.69 1.69
N GLN A 184 0.46 -17.82 2.32
CA GLN A 184 -0.91 -18.07 2.75
C GLN A 184 -1.14 -17.38 4.08
N VAL A 185 -2.01 -16.35 4.09
CA VAL A 185 -2.13 -15.48 5.25
C VAL A 185 -2.67 -16.21 6.48
N ASN A 186 -3.37 -17.33 6.32
CA ASN A 186 -3.85 -18.06 7.50
C ASN A 186 -2.77 -18.90 8.15
N GLU A 187 -1.57 -18.95 7.58
CA GLU A 187 -0.46 -19.70 8.13
C GLU A 187 0.51 -18.85 8.94
N TYR A 188 0.33 -17.53 8.95
CA TYR A 188 1.22 -16.64 9.68
C TYR A 188 0.92 -16.71 11.17
N VAL A 189 1.95 -16.91 11.97
CA VAL A 189 1.82 -17.03 13.42
C VAL A 189 2.27 -15.73 14.06
N HIS A 190 1.41 -15.18 14.93
CA HIS A 190 1.74 -14.02 15.73
C HIS A 190 2.75 -14.40 16.82
N SER A 191 3.29 -13.39 17.49
CA SER A 191 4.27 -13.65 18.54
C SER A 191 3.70 -14.49 19.67
N ASP A 192 2.38 -14.43 19.89
CA ASP A 192 1.73 -15.16 20.96
C ASP A 192 1.27 -16.55 20.55
N GLY A 193 1.72 -17.04 19.40
CA GLY A 193 1.37 -18.37 18.93
C GLY A 193 0.08 -18.44 18.14
N SER A 194 -0.75 -17.41 18.19
CA SER A 194 -2.02 -17.42 17.47
C SER A 194 -1.80 -17.15 15.98
N ARG A 195 -2.82 -17.47 15.19
CA ARG A 195 -2.84 -17.15 13.77
C ARG A 195 -3.87 -16.06 13.53
N PRO A 196 -3.46 -14.79 13.49
CA PRO A 196 -4.45 -13.69 13.42
C PRO A 196 -5.34 -13.75 12.20
N PHE A 197 -4.84 -14.26 11.07
CA PHE A 197 -5.65 -14.44 9.88
C PHE A 197 -5.99 -15.91 9.66
N GLY A 198 -6.02 -16.71 10.73
CA GLY A 198 -6.30 -18.13 10.61
C GLY A 198 -7.71 -18.44 10.13
N ASP A 199 -8.64 -17.53 10.32
CA ASP A 199 -10.01 -17.72 9.84
C ASP A 199 -10.16 -17.39 8.36
N ALA A 200 -9.12 -16.85 7.72
CA ALA A 200 -9.17 -16.56 6.30
C ALA A 200 -9.03 -17.87 5.51
N PRO A 201 -9.71 -17.97 4.37
CA PRO A 201 -9.57 -19.18 3.54
C PRO A 201 -8.15 -19.34 3.03
N ASP A 202 -7.81 -20.58 2.66
CA ASP A 202 -6.47 -20.84 2.13
C ASP A 202 -6.18 -20.04 0.88
N GLU A 203 -7.22 -19.64 0.14
CA GLU A 203 -7.03 -18.96 -1.13
C GLU A 203 -6.56 -17.52 -0.96
N GLN A 204 -6.67 -16.95 0.25
CA GLN A 204 -6.26 -15.57 0.46
C GLN A 204 -4.75 -15.50 0.65
N ARG A 205 -4.08 -14.81 -0.28
CA ARG A 205 -2.62 -14.74 -0.29
C ARG A 205 -2.16 -13.32 0.00
N ALA A 206 -0.95 -13.22 0.53
CA ALA A 206 -0.21 -11.97 0.62
C ALA A 206 0.98 -12.13 -0.31
N ILE A 207 0.90 -11.53 -1.49
CA ILE A 207 1.92 -11.71 -2.51
C ILE A 207 2.86 -10.51 -2.48
N VAL A 208 4.16 -10.79 -2.35
CA VAL A 208 5.19 -9.77 -2.39
C VAL A 208 5.63 -9.61 -3.84
N HIS A 209 5.45 -8.41 -4.36
CA HIS A 209 5.75 -8.15 -5.77
C HIS A 209 6.95 -7.23 -5.90
N TRP A 210 7.57 -7.30 -7.07
CA TRP A 210 8.77 -6.54 -7.37
C TRP A 210 8.94 -6.49 -8.88
N LYS A 211 9.07 -5.30 -9.43
CA LYS A 211 9.38 -5.11 -10.84
C LYS A 211 10.54 -4.13 -10.97
N GLU A 212 11.58 -4.53 -11.68
CA GLU A 212 12.65 -3.60 -12.01
C GLU A 212 12.17 -2.60 -13.05
N VAL A 213 12.58 -1.35 -12.90
CA VAL A 213 12.11 -0.29 -13.78
C VAL A 213 13.11 0.02 -14.88
#